data_4NF6
#
_entry.id   4NF6
#
_cell.length_a   59.542
_cell.length_b   84.690
_cell.length_c   122.799
_cell.angle_alpha   90.00
_cell.angle_beta   90.00
_cell.angle_gamma   90.00
#
_symmetry.space_group_name_H-M   'P 21 21 21'
#
loop_
_entity.id
_entity.type
_entity.pdbx_description
1 polymer 'Glutamate receptor ionotropic, NMDA 1'
2 polymer 'Glutamate receptor ionotropic, NMDA 2A'
3 non-polymer GLYCINE
4 non-polymer '(2S,3R)-1-(phenanthren-2-ylcarbonyl)piperazine-2,3-dicarboxylic acid'
5 water water
#
loop_
_entity_poly.entity_id
_entity_poly.type
_entity_poly.pdbx_seq_one_letter_code
_entity_poly.pdbx_strand_id
1 'polypeptide(L)'
;GMSTRLKIVTIHQEPFVYVKPTMSDGTCKEEFTVNGDPVKKVICTGPNDTSPGSPRHTVPQCCYGFCIDLLIKLARTMNF
TYEVHLVADGKFGTQERVNNSNKKEWNGMMGELLSGQADMIVAPLTINNERAQYIEFSKPFKYQGLTILVKKGTRITGIN
DPRLRNPSDKFIYATVKQSSVDIYFRRQVELSTMYRHMEKHNYESAAEAIQAVRDNKLHAFIWDSAVLEFEASQKCDLVT
TGELFFRSGFGIGMRKDSPWKQNVSLSILKSHENGFMEDLDKTWVRYQECDS
;
A
2 'polypeptide(L)'
;SDDNHLSIVTLEEAPFVIVEDIDPLTETCVRNTVPCRKFVKINNSTNEGMNVKKCCKGFCIDILKKLSRTVKFTYDLYLV
TNGKHGKKVNNVWNGMIGEVVYQRAVMAVGSLTINEERSEVVDFSVPFVETGISVMVSRGTQVTGLSDKKFQRPHDYSPP
FRFGTVPNGSTERNIRNNYPYMHQYMTRFNQRGVEDALVSLKTGKLDAFIYDAAVLNYKAGRDEGCKLVTIGSGYIFATT
GYGIALQKGSPWKRQIDLALLQFVGDGEMEELETLWLTGICHN
;
B
#
# COMPACT_ATOMS: atom_id res chain seq x y z
N THR A 4 -0.43 27.34 -12.99
CA THR A 4 -0.57 25.89 -13.19
C THR A 4 0.66 25.23 -13.84
N ARG A 5 1.86 25.78 -13.61
CA ARG A 5 3.11 25.15 -14.07
C ARG A 5 3.95 24.67 -12.91
N LEU A 6 3.93 23.36 -12.70
CA LEU A 6 4.46 22.77 -11.47
C LEU A 6 5.95 22.46 -11.60
N LYS A 7 6.73 22.83 -10.59
CA LYS A 7 8.09 22.35 -10.51
C LYS A 7 8.08 20.96 -9.87
N ILE A 8 8.50 19.95 -10.62
CA ILE A 8 8.49 18.59 -10.10
C ILE A 8 9.89 18.23 -9.67
N VAL A 9 10.06 17.73 -8.45
CA VAL A 9 11.35 17.20 -8.06
C VAL A 9 11.29 15.67 -8.02
N THR A 10 12.38 15.05 -8.44
CA THR A 10 12.47 13.60 -8.44
C THR A 10 13.92 13.18 -8.16
N ILE A 11 14.22 11.89 -8.26
CA ILE A 11 15.52 11.40 -7.86
C ILE A 11 15.84 10.15 -8.68
N HIS A 12 17.11 9.90 -8.93
CA HIS A 12 17.47 8.70 -9.68
C HIS A 12 17.19 7.48 -8.82
N GLN A 13 16.42 6.53 -9.35
CA GLN A 13 16.07 5.34 -8.59
C GLN A 13 15.37 4.33 -9.50
N GLU A 14 16.16 3.53 -10.20
CA GLU A 14 15.62 2.50 -11.09
C GLU A 14 14.88 1.48 -10.24
N PRO A 15 13.73 0.97 -10.74
CA PRO A 15 13.12 1.21 -12.06
C PRO A 15 12.11 2.34 -12.10
N PHE A 16 12.01 3.12 -11.03
CA PHE A 16 11.00 4.17 -10.98
C PHE A 16 11.44 5.39 -11.76
N VAL A 17 12.73 5.73 -11.64
CA VAL A 17 13.29 6.84 -12.39
C VAL A 17 14.67 6.49 -12.93
N TYR A 18 14.76 6.46 -14.26
CA TYR A 18 16.03 6.27 -14.95
C TYR A 18 16.54 7.65 -15.33
N VAL A 19 17.84 7.86 -15.24
CA VAL A 19 18.42 9.14 -15.67
C VAL A 19 19.51 8.86 -16.71
N LYS A 20 19.43 9.51 -17.86
CA LYS A 20 20.38 9.28 -18.96
C LYS A 20 20.76 10.59 -19.64
N PRO A 21 21.99 10.66 -20.18
CA PRO A 21 22.43 11.86 -20.91
C PRO A 21 21.52 12.15 -22.10
N THR A 22 21.30 13.42 -22.42
CA THR A 22 20.61 13.77 -23.67
C THR A 22 21.48 13.42 -24.86
N MET A 23 20.88 13.46 -26.04
CA MET A 23 21.63 13.37 -27.27
C MET A 23 22.36 14.69 -27.53
N SER A 24 23.26 14.68 -28.50
CA SER A 24 24.11 15.84 -28.79
C SER A 24 23.33 17.11 -29.07
N ASP A 25 22.11 16.95 -29.58
CA ASP A 25 21.24 18.07 -29.90
C ASP A 25 20.33 18.46 -28.72
N GLY A 26 20.48 17.73 -27.61
CA GLY A 26 19.77 18.06 -26.39
C GLY A 26 18.36 17.51 -26.34
N THR A 27 18.06 16.56 -27.21
CA THR A 27 16.78 15.85 -27.14
C THR A 27 17.01 14.45 -26.55
N CYS A 28 15.91 13.75 -26.32
N CYS A 28 15.93 13.74 -26.26
CA CYS A 28 15.94 12.39 -25.79
CA CYS A 28 16.05 12.38 -25.74
C CYS A 28 15.90 11.39 -26.95
C CYS A 28 15.85 11.36 -26.85
N LYS A 29 16.75 10.37 -26.89
CA LYS A 29 16.66 9.27 -27.87
C LYS A 29 15.31 8.55 -27.79
N GLU A 30 14.63 8.44 -28.93
CA GLU A 30 13.37 7.70 -29.03
C GLU A 30 13.64 6.21 -28.80
N GLU A 31 12.83 5.56 -27.97
CA GLU A 31 13.11 4.20 -27.58
C GLU A 31 11.81 3.51 -27.19
N PHE A 32 11.75 2.20 -27.35
CA PHE A 32 10.58 1.44 -26.96
C PHE A 32 10.97 0.44 -25.90
N THR A 33 10.01 0.04 -25.07
CA THR A 33 10.30 -0.96 -24.06
C THR A 33 10.40 -2.32 -24.74
N VAL A 34 10.83 -3.30 -23.96
CA VAL A 34 10.98 -4.66 -24.39
C VAL A 34 9.67 -5.23 -24.92
N ASN A 35 8.55 -4.75 -24.38
CA ASN A 35 7.22 -5.17 -24.84
C ASN A 35 6.61 -4.31 -25.95
N GLY A 36 7.36 -3.34 -26.46
CA GLY A 36 6.93 -2.58 -27.61
C GLY A 36 6.18 -1.27 -27.32
N ASP A 37 6.27 -0.80 -26.08
CA ASP A 37 5.61 0.43 -25.67
C ASP A 37 6.58 1.60 -25.84
N PRO A 38 6.07 2.74 -26.31
CA PRO A 38 6.97 3.90 -26.46
C PRO A 38 7.44 4.30 -25.07
N VAL A 39 8.72 4.62 -24.93
CA VAL A 39 9.23 5.10 -23.67
C VAL A 39 9.02 6.62 -23.62
N LYS A 40 8.16 7.09 -22.72
CA LYS A 40 7.94 8.52 -22.59
C LYS A 40 9.06 9.17 -21.76
N LYS A 41 9.81 10.07 -22.39
CA LYS A 41 10.95 10.67 -21.74
C LYS A 41 10.70 12.15 -21.58
N VAL A 42 11.14 12.72 -20.45
CA VAL A 42 11.04 14.16 -20.24
C VAL A 42 12.43 14.71 -19.96
N ILE A 43 12.64 15.99 -20.30
CA ILE A 43 13.89 16.63 -19.92
C ILE A 43 13.89 16.93 -18.43
N CYS A 44 14.92 16.49 -17.73
CA CYS A 44 15.04 16.80 -16.32
C CYS A 44 16.42 17.39 -16.04
N THR A 45 16.48 18.60 -15.50
CA THR A 45 17.75 19.17 -15.12
C THR A 45 18.20 18.63 -13.77
N GLY A 46 19.51 18.47 -13.60
CA GLY A 46 20.06 18.06 -12.32
C GLY A 46 21.57 18.21 -12.28
N PRO A 47 22.18 17.97 -11.11
CA PRO A 47 23.64 18.05 -11.00
C PRO A 47 24.33 17.01 -11.88
N ASN A 48 25.46 17.38 -12.49
CA ASN A 48 26.20 16.47 -13.37
C ASN A 48 27.52 15.98 -12.76
N HIS A 57 27.83 21.50 -11.39
CA HIS A 57 26.89 22.39 -12.10
C HIS A 57 25.64 21.66 -12.64
N THR A 58 24.71 22.41 -13.22
CA THR A 58 23.38 21.90 -13.57
C THR A 58 23.16 21.73 -15.09
N VAL A 59 22.79 20.52 -15.52
CA VAL A 59 22.64 20.20 -16.94
C VAL A 59 21.34 19.45 -17.30
N PRO A 60 20.82 19.68 -18.51
CA PRO A 60 19.62 18.92 -18.85
C PRO A 60 19.94 17.44 -19.10
N GLN A 61 19.00 16.57 -18.75
CA GLN A 61 19.18 15.12 -18.87
C GLN A 61 17.82 14.53 -19.23
N CYS A 62 17.80 13.22 -19.50
CA CYS A 62 16.56 12.54 -19.83
CA CYS A 62 16.58 12.50 -19.83
C CYS A 62 16.15 11.66 -18.66
N CYS A 63 14.89 11.73 -18.27
CA CYS A 63 14.32 10.88 -17.23
CA CYS A 63 14.38 10.78 -17.30
C CYS A 63 13.10 10.13 -17.76
N TYR A 64 12.94 8.88 -17.34
CA TYR A 64 11.78 8.08 -17.69
C TYR A 64 11.68 6.96 -16.66
N GLY A 65 10.59 6.20 -16.72
CA GLY A 65 10.40 5.11 -15.79
C GLY A 65 9.01 5.17 -15.20
N PHE A 66 8.75 4.28 -14.24
CA PHE A 66 7.46 4.15 -13.60
C PHE A 66 6.95 5.52 -13.15
N CYS A 67 7.75 6.25 -12.40
CA CYS A 67 7.27 7.52 -11.82
C CYS A 67 7.05 8.60 -12.86
N ILE A 68 7.85 8.58 -13.93
CA ILE A 68 7.67 9.54 -15.01
C ILE A 68 6.39 9.28 -15.79
N ASP A 69 6.07 8.01 -16.05
CA ASP A 69 4.79 7.65 -16.66
C ASP A 69 3.62 8.11 -15.78
N LEU A 70 3.77 7.92 -14.48
CA LEU A 70 2.72 8.35 -13.56
C LEU A 70 2.52 9.87 -13.63
N LEU A 71 3.63 10.61 -13.65
CA LEU A 71 3.57 12.07 -13.76
C LEU A 71 2.80 12.52 -15.02
N ILE A 72 3.12 11.87 -16.15
CA ILE A 72 2.50 12.24 -17.41
C ILE A 72 1.00 12.01 -17.39
N LYS A 73 0.61 10.91 -16.76
CA LYS A 73 -0.81 10.60 -16.60
C LYS A 73 -1.49 11.63 -15.70
N LEU A 74 -0.82 12.00 -14.60
CA LEU A 74 -1.36 13.01 -13.69
C LEU A 74 -1.53 14.36 -14.40
N ALA A 75 -0.45 14.82 -15.04
CA ALA A 75 -0.42 16.09 -15.77
C ALA A 75 -1.52 16.17 -16.82
N ARG A 76 -1.78 15.06 -17.51
CA ARG A 76 -2.82 15.00 -18.54
C ARG A 76 -4.24 15.00 -17.95
N THR A 77 -4.43 14.28 -16.85
CA THR A 77 -5.74 14.09 -16.23
C THR A 77 -6.22 15.34 -15.53
N MET A 78 -5.29 16.02 -14.86
CA MET A 78 -5.64 17.22 -14.09
C MET A 78 -5.34 18.50 -14.83
N ASN A 79 -4.78 18.37 -16.03
CA ASN A 79 -4.47 19.50 -16.88
C ASN A 79 -3.50 20.49 -16.27
N PHE A 80 -2.32 20.02 -15.88
CA PHE A 80 -1.26 20.94 -15.48
C PHE A 80 -0.03 20.72 -16.34
N THR A 81 0.85 21.70 -16.34
CA THR A 81 2.12 21.57 -17.01
C THR A 81 3.21 21.51 -15.95
N TYR A 82 4.42 21.14 -16.36
CA TYR A 82 5.48 20.83 -15.39
C TYR A 82 6.86 21.02 -15.97
N GLU A 83 7.82 21.23 -15.08
CA GLU A 83 9.22 21.15 -15.43
C GLU A 83 9.82 20.22 -14.38
N VAL A 84 10.66 19.29 -14.80
CA VAL A 84 11.20 18.30 -13.88
C VAL A 84 12.65 18.55 -13.51
N HIS A 85 12.97 18.48 -12.23
CA HIS A 85 14.39 18.48 -11.88
C HIS A 85 14.73 17.40 -10.85
N LEU A 86 15.99 17.03 -10.84
CA LEU A 86 16.52 16.06 -9.91
C LEU A 86 16.98 16.79 -8.65
N VAL A 87 16.58 16.27 -7.49
CA VAL A 87 16.96 16.86 -6.20
C VAL A 87 18.46 17.17 -6.15
N ALA A 88 18.80 18.40 -5.78
CA ALA A 88 20.19 18.85 -5.76
C ALA A 88 21.12 18.02 -4.87
N ASP A 89 20.67 17.63 -3.68
CA ASP A 89 21.58 16.90 -2.79
C ASP A 89 21.54 15.39 -3.02
N GLY A 90 20.62 14.96 -3.89
CA GLY A 90 20.49 13.55 -4.20
C GLY A 90 19.87 12.68 -3.12
N LYS A 91 19.18 13.28 -2.16
CA LYS A 91 18.61 12.52 -1.04
C LYS A 91 17.08 12.54 -1.07
N PHE A 92 16.48 11.55 -0.42
CA PHE A 92 15.02 11.51 -0.28
C PHE A 92 14.53 12.55 0.72
N GLY A 93 15.12 12.56 1.92
CA GLY A 93 14.80 13.58 2.88
C GLY A 93 14.56 13.09 4.30
N THR A 94 15.39 13.59 5.23
CA THR A 94 15.14 13.45 6.66
C THR A 94 15.24 14.82 7.34
N GLN A 95 14.83 14.89 8.59
CA GLN A 95 14.84 16.13 9.33
C GLN A 95 16.04 16.13 10.26
N GLU A 96 16.82 17.20 10.22
CA GLU A 96 18.01 17.26 11.07
C GLU A 96 18.09 18.58 11.84
N ARG A 97 18.82 18.54 12.96
CA ARG A 97 19.06 19.73 13.77
C ARG A 97 20.06 20.59 13.00
N VAL A 98 19.84 21.90 12.98
CA VAL A 98 20.81 22.78 12.32
C VAL A 98 21.73 23.42 13.35
N ASN A 99 23.04 23.20 13.18
CA ASN A 99 24.05 23.72 14.10
C ASN A 99 23.86 23.23 15.54
N SER A 101 21.84 25.16 17.31
CA SER A 101 20.71 24.23 17.30
C SER A 101 19.37 24.94 17.28
N ASN A 102 18.43 24.45 18.09
CA ASN A 102 17.02 24.86 18.09
C ASN A 102 16.29 24.40 16.83
N LYS A 103 16.50 25.13 15.74
CA LYS A 103 15.84 24.85 14.46
C LYS A 103 16.13 23.45 13.92
N LYS A 104 15.11 22.86 13.29
CA LYS A 104 15.22 21.60 12.56
C LYS A 104 14.99 21.90 11.08
N GLU A 105 15.71 21.24 10.18
CA GLU A 105 15.43 21.43 8.76
C GLU A 105 15.43 20.10 7.99
N TRP A 106 14.58 20.00 6.98
CA TRP A 106 14.58 18.82 6.12
C TRP A 106 15.62 19.00 5.00
N ASN A 107 16.26 17.91 4.63
CA ASN A 107 17.14 17.89 3.47
C ASN A 107 16.42 17.15 2.33
N GLY A 108 17.13 16.85 1.25
CA GLY A 108 16.58 16.05 0.16
C GLY A 108 15.34 16.62 -0.50
N MET A 109 14.55 15.75 -1.12
CA MET A 109 13.33 16.16 -1.80
C MET A 109 12.34 16.80 -0.84
N MET A 110 12.31 16.32 0.41
CA MET A 110 11.43 16.93 1.41
C MET A 110 11.77 18.41 1.61
N GLY A 111 13.06 18.73 1.70
CA GLY A 111 13.47 20.11 1.85
C GLY A 111 13.09 21.01 0.69
N GLU A 112 13.29 20.48 -0.53
CA GLU A 112 13.00 21.25 -1.72
C GLU A 112 11.52 21.53 -1.82
N LEU A 113 10.71 20.55 -1.47
CA LEU A 113 9.26 20.74 -1.50
C LEU A 113 8.82 21.76 -0.44
N LEU A 114 9.38 21.66 0.75
CA LEU A 114 8.99 22.59 1.82
C LEU A 114 9.48 24.02 1.59
N SER A 115 10.60 24.19 0.91
CA SER A 115 11.17 25.51 0.67
C SER A 115 10.57 26.16 -0.56
N GLY A 116 9.81 25.40 -1.36
CA GLY A 116 9.23 25.93 -2.58
C GLY A 116 10.09 25.78 -3.85
N GLN A 117 11.27 25.16 -3.73
CA GLN A 117 12.06 24.83 -4.91
C GLN A 117 11.37 23.74 -5.75
N ALA A 118 10.39 23.06 -5.16
CA ALA A 118 9.55 22.14 -5.90
C ALA A 118 8.12 22.29 -5.42
N ASP A 119 7.16 21.98 -6.29
CA ASP A 119 5.74 22.02 -5.94
C ASP A 119 5.15 20.63 -5.74
N MET A 120 5.88 19.62 -6.16
CA MET A 120 5.38 18.26 -6.03
C MET A 120 6.57 17.31 -6.10
N ILE A 121 6.57 16.30 -5.25
CA ILE A 121 7.58 15.24 -5.35
C ILE A 121 6.95 14.03 -6.07
N VAL A 122 7.56 13.65 -7.19
CA VAL A 122 7.13 12.47 -7.92
C VAL A 122 8.31 11.51 -7.97
N ALA A 123 8.31 10.52 -7.09
CA ALA A 123 9.47 9.66 -6.88
C ALA A 123 9.01 8.52 -5.98
N PRO A 124 9.82 7.46 -5.84
CA PRO A 124 9.40 6.42 -4.88
C PRO A 124 9.60 6.90 -3.44
N LEU A 125 8.76 7.85 -3.03
CA LEU A 125 8.87 8.48 -1.73
C LEU A 125 8.04 7.76 -0.65
N THR A 126 8.73 7.20 0.35
CA THR A 126 8.03 6.44 1.39
C THR A 126 7.14 7.31 2.28
N ILE A 127 5.90 6.88 2.47
CA ILE A 127 4.98 7.54 3.39
C ILE A 127 5.25 7.17 4.85
N ASN A 128 5.61 8.14 5.69
CA ASN A 128 5.72 7.84 7.12
C ASN A 128 5.15 8.96 7.99
N ASN A 129 5.05 8.70 9.28
CA ASN A 129 4.54 9.71 10.20
C ASN A 129 5.40 10.98 10.15
N GLU A 130 6.72 10.81 10.22
CA GLU A 130 7.62 11.95 10.34
C GLU A 130 7.38 12.99 9.25
N ARG A 131 7.27 12.50 8.02
CA ARG A 131 7.08 13.39 6.88
C ARG A 131 5.65 13.90 6.77
N ALA A 132 4.68 13.05 7.11
CA ALA A 132 3.27 13.43 6.98
C ALA A 132 2.90 14.56 7.94
N GLN A 133 3.76 14.83 8.92
CA GLN A 133 3.53 15.95 9.83
CA GLN A 133 3.56 15.95 9.84
C GLN A 133 3.61 17.30 9.11
N TYR A 134 4.45 17.36 8.07
CA TYR A 134 4.78 18.62 7.37
C TYR A 134 4.27 18.71 5.94
N ILE A 135 4.06 17.57 5.30
CA ILE A 135 3.52 17.57 3.94
C ILE A 135 2.31 16.67 3.79
N GLU A 136 1.68 16.78 2.62
CA GLU A 136 0.51 15.99 2.27
C GLU A 136 0.95 14.91 1.30
N PHE A 137 0.63 13.66 1.62
CA PHE A 137 0.90 12.53 0.73
C PHE A 137 -0.39 12.11 0.02
N SER A 138 -0.28 11.69 -1.23
CA SER A 138 -1.39 11.03 -1.88
C SER A 138 -1.60 9.66 -1.23
N LYS A 139 -2.71 9.01 -1.56
CA LYS A 139 -2.87 7.59 -1.29
C LYS A 139 -1.75 6.89 -2.06
N PRO A 140 -1.29 5.75 -1.55
CA PRO A 140 -0.10 5.10 -2.12
C PRO A 140 -0.28 4.75 -3.59
N PHE A 141 0.72 5.08 -4.41
CA PHE A 141 0.68 4.63 -5.78
C PHE A 141 1.39 3.29 -5.91
N LYS A 142 2.13 2.90 -4.88
CA LYS A 142 2.79 1.58 -4.88
C LYS A 142 2.85 1.04 -3.45
N TYR A 143 2.42 -0.20 -3.25
CA TYR A 143 2.56 -0.87 -1.94
C TYR A 143 3.74 -1.80 -2.01
N GLN A 144 4.61 -1.71 -1.02
CA GLN A 144 5.79 -2.53 -1.00
C GLN A 144 6.28 -2.63 0.44
N GLY A 145 7.57 -2.77 0.64
CA GLY A 145 8.11 -2.85 1.99
C GLY A 145 9.61 -2.81 2.03
N LEU A 146 10.17 -3.15 3.19
CA LEU A 146 11.62 -3.22 3.36
C LEU A 146 12.10 -4.65 3.33
N THR A 147 13.24 -4.85 2.67
CA THR A 147 13.87 -6.16 2.66
C THR A 147 15.39 -5.96 2.67
N ILE A 148 16.13 -7.05 2.50
CA ILE A 148 17.58 -7.04 2.63
C ILE A 148 18.26 -7.68 1.42
N LEU A 149 19.28 -7.03 0.89
CA LEU A 149 19.97 -7.53 -0.29
C LEU A 149 21.36 -8.03 0.09
N VAL A 150 21.72 -9.22 -0.36
CA VAL A 150 23.04 -9.76 -0.08
C VAL A 150 23.61 -10.40 -1.34
N LYS A 151 24.89 -10.74 -1.32
CA LYS A 151 25.51 -11.45 -2.44
C LYS A 151 25.06 -12.89 -2.29
N LYS A 152 24.69 -13.53 -3.39
CA LYS A 152 24.31 -14.94 -3.36
C LYS A 152 25.37 -15.75 -2.63
N GLY A 153 24.93 -16.64 -1.74
CA GLY A 153 25.86 -17.38 -0.92
C GLY A 153 25.98 -16.80 0.48
N THR A 154 25.67 -15.52 0.63
CA THR A 154 25.66 -14.94 1.97
C THR A 154 24.44 -15.46 2.71
N ARG A 155 24.64 -15.85 3.97
CA ARG A 155 23.59 -16.46 4.77
C ARG A 155 23.16 -15.62 5.97
N ILE A 156 21.99 -14.98 5.86
CA ILE A 156 21.33 -14.37 7.00
CA ILE A 156 21.33 -14.37 7.00
C ILE A 156 19.84 -14.65 6.92
N THR A 157 19.22 -14.92 8.07
CA THR A 157 17.79 -15.21 8.11
C THR A 157 16.96 -13.97 7.80
N GLY A 158 17.54 -12.81 8.08
CA GLY A 158 16.84 -11.56 7.89
C GLY A 158 17.15 -10.54 8.95
N ILE A 159 16.16 -9.71 9.26
CA ILE A 159 16.35 -8.59 10.15
C ILE A 159 16.68 -8.97 11.61
N ASN A 160 16.42 -10.21 11.98
CA ASN A 160 16.66 -10.66 13.36
C ASN A 160 17.85 -11.60 13.47
N ASP A 161 18.60 -11.70 12.38
CA ASP A 161 19.83 -12.47 12.37
C ASP A 161 20.77 -11.88 13.41
N PRO A 162 21.43 -12.75 14.17
CA PRO A 162 22.36 -12.31 15.22
C PRO A 162 23.50 -11.45 14.68
N ARG A 163 23.87 -11.65 13.41
CA ARG A 163 24.87 -10.78 12.78
C ARG A 163 24.33 -9.38 12.48
N LEU A 164 23.00 -9.24 12.48
CA LEU A 164 22.44 -7.89 12.41
C LEU A 164 22.15 -7.37 13.81
N ARG A 165 21.52 -8.19 14.63
CA ARG A 165 21.13 -7.75 15.98
C ARG A 165 22.32 -7.48 16.91
N ASN A 166 23.41 -8.23 16.74
CA ASN A 166 24.61 -8.01 17.53
C ASN A 166 25.79 -7.71 16.61
N PRO A 167 25.86 -6.47 16.11
CA PRO A 167 26.81 -6.11 15.04
C PRO A 167 28.28 -6.08 15.46
N SER A 168 29.14 -6.35 14.48
CA SER A 168 30.58 -6.10 14.58
C SER A 168 31.05 -5.67 13.21
N ASP A 169 32.34 -5.34 13.08
CA ASP A 169 32.89 -4.91 11.79
C ASP A 169 33.23 -6.11 10.90
N LYS A 170 32.96 -7.32 11.39
CA LYS A 170 33.18 -8.51 10.58
C LYS A 170 32.05 -8.71 9.57
N PHE A 171 30.88 -8.14 9.86
CA PHE A 171 29.74 -8.21 8.94
C PHE A 171 29.08 -6.84 8.83
N ILE A 172 29.27 -6.19 7.68
CA ILE A 172 28.85 -4.81 7.52
C ILE A 172 27.51 -4.70 6.80
N TYR A 173 26.61 -3.94 7.37
CA TYR A 173 25.35 -3.66 6.72
C TYR A 173 25.02 -2.18 6.81
N ALA A 174 24.15 -1.70 5.92
CA ALA A 174 23.92 -0.28 5.79
C ALA A 174 22.65 -0.05 5.01
N THR A 175 22.19 1.19 5.00
CA THR A 175 21.11 1.61 4.14
C THR A 175 21.55 2.91 3.46
N VAL A 176 20.61 3.64 2.90
CA VAL A 176 20.95 4.92 2.29
C VAL A 176 20.79 6.05 3.31
N LYS A 177 21.81 6.90 3.40
CA LYS A 177 21.77 8.13 4.21
C LYS A 177 20.56 8.99 3.91
N GLN A 178 20.00 9.59 4.96
CA GLN A 178 18.94 10.57 4.83
C GLN A 178 17.74 10.06 4.03
N SER A 179 17.34 8.82 4.32
CA SER A 179 16.17 8.20 3.72
C SER A 179 15.20 7.73 4.78
N SER A 180 14.05 7.21 4.35
CA SER A 180 13.04 6.70 5.25
C SER A 180 13.56 5.51 6.05
N VAL A 181 14.51 4.77 5.49
CA VAL A 181 15.10 3.63 6.20
C VAL A 181 16.01 4.08 7.34
N ASP A 182 16.73 5.18 7.12
CA ASP A 182 17.47 5.86 8.16
C ASP A 182 16.53 6.27 9.32
N ILE A 183 15.43 6.94 8.96
CA ILE A 183 14.40 7.34 9.92
C ILE A 183 13.87 6.12 10.69
N TYR A 184 13.57 5.05 9.97
CA TYR A 184 13.06 3.83 10.60
C TYR A 184 13.94 3.25 11.71
N PHE A 185 15.24 3.17 11.45
CA PHE A 185 16.16 2.62 12.43
C PHE A 185 16.51 3.63 13.53
N ARG A 186 16.48 4.92 13.20
CA ARG A 186 16.74 5.95 14.20
C ARG A 186 15.59 6.17 15.18
N ARG A 187 14.35 5.95 14.76
CA ARG A 187 13.21 6.32 15.61
C ARG A 187 12.97 5.39 16.81
N GLN A 188 13.55 4.20 16.80
CA GLN A 188 13.29 3.23 17.89
C GLN A 188 14.52 2.97 18.75
N VAL A 189 14.41 3.26 20.05
CA VAL A 189 15.54 3.11 20.96
C VAL A 189 16.05 1.66 21.02
N GLU A 190 15.17 0.68 20.83
CA GLU A 190 15.60 -0.71 20.82
C GLU A 190 16.42 -1.06 19.57
N LEU A 191 16.42 -0.16 18.59
CA LEU A 191 17.21 -0.37 17.38
C LEU A 191 18.50 0.44 17.40
N SER A 192 18.80 1.04 18.55
CA SER A 192 19.94 1.96 18.66
C SER A 192 21.28 1.26 18.39
N THR A 193 21.38 -0.01 18.78
CA THR A 193 22.60 -0.77 18.53
C THR A 193 22.81 -0.98 17.03
N MET A 194 21.74 -1.35 16.32
CA MET A 194 21.81 -1.50 14.88
C MET A 194 22.13 -0.17 14.22
N TYR A 195 21.45 0.88 14.64
CA TYR A 195 21.67 2.19 14.05
C TYR A 195 23.10 2.67 14.19
N ARG A 196 23.71 2.38 15.33
CA ARG A 196 25.07 2.82 15.62
C ARG A 196 26.02 2.19 14.61
N HIS A 197 25.76 0.93 14.28
CA HIS A 197 26.51 0.24 13.24
C HIS A 197 26.26 0.91 11.88
N MET A 198 25.01 1.00 11.48
CA MET A 198 24.66 1.50 10.14
C MET A 198 25.16 2.92 9.83
N GLU A 199 25.09 3.83 10.80
CA GLU A 199 25.46 5.21 10.50
C GLU A 199 26.94 5.32 10.13
N LYS A 200 27.74 4.39 10.65
CA LYS A 200 29.15 4.29 10.32
C LYS A 200 29.34 3.91 8.85
N HIS A 201 28.32 3.32 8.24
CA HIS A 201 28.47 2.70 6.93
C HIS A 201 27.47 3.14 5.85
N ASN A 202 26.47 3.93 6.21
CA ASN A 202 25.41 4.28 5.26
C ASN A 202 25.96 4.89 3.97
N TYR A 203 25.31 4.60 2.85
CA TYR A 203 25.78 5.05 1.55
C TYR A 203 25.04 6.30 1.06
N GLU A 204 25.63 7.01 0.11
CA GLU A 204 25.05 8.23 -0.43
C GLU A 204 23.82 7.98 -1.31
N SER A 205 23.80 6.84 -1.98
CA SER A 205 22.68 6.50 -2.85
C SER A 205 22.48 4.99 -2.93
N ALA A 206 21.30 4.56 -3.37
CA ALA A 206 20.99 3.13 -3.49
C ALA A 206 21.92 2.42 -4.47
N ALA A 207 22.21 3.08 -5.59
CA ALA A 207 23.06 2.49 -6.61
C ALA A 207 24.45 2.17 -6.08
N GLU A 208 25.04 3.09 -5.32
CA GLU A 208 26.37 2.86 -4.73
C GLU A 208 26.39 1.73 -3.71
N ALA A 209 25.31 1.60 -2.94
CA ALA A 209 25.24 0.53 -1.94
C ALA A 209 25.11 -0.81 -2.66
N ILE A 210 24.30 -0.83 -3.71
CA ILE A 210 24.12 -2.06 -4.46
C ILE A 210 25.43 -2.51 -5.08
N GLN A 211 26.15 -1.57 -5.69
CA GLN A 211 27.46 -1.89 -6.26
C GLN A 211 28.40 -2.43 -5.20
N ALA A 212 28.35 -1.85 -4.00
CA ALA A 212 29.25 -2.25 -2.95
C ALA A 212 28.97 -3.67 -2.47
N VAL A 213 27.70 -4.08 -2.54
CA VAL A 213 27.38 -5.48 -2.24
C VAL A 213 28.03 -6.39 -3.29
N ARG A 214 27.98 -5.98 -4.55
CA ARG A 214 28.56 -6.79 -5.63
C ARG A 214 30.08 -6.91 -5.48
N ASP A 215 30.68 -5.84 -4.95
CA ASP A 215 32.12 -5.75 -4.81
C ASP A 215 32.59 -6.31 -3.48
N ASN A 216 31.64 -6.86 -2.72
CA ASN A 216 31.94 -7.40 -1.40
C ASN A 216 32.46 -6.38 -0.38
N LYS A 217 32.16 -5.10 -0.60
CA LYS A 217 32.55 -4.07 0.36
C LYS A 217 31.44 -3.82 1.39
N LEU A 218 30.22 -4.23 1.04
CA LEU A 218 29.07 -4.17 1.94
C LEU A 218 28.41 -5.54 1.98
N HIS A 219 28.11 -6.06 3.16
CA HIS A 219 27.59 -7.43 3.23
C HIS A 219 26.07 -7.53 3.14
N ALA A 220 25.37 -6.48 3.57
CA ALA A 220 23.92 -6.46 3.48
C ALA A 220 23.41 -5.04 3.32
N PHE A 221 22.52 -4.85 2.35
CA PHE A 221 21.93 -3.54 2.07
C PHE A 221 20.43 -3.59 2.39
N ILE A 222 20.03 -2.79 3.36
CA ILE A 222 18.64 -2.76 3.78
C ILE A 222 17.89 -1.65 3.05
N TRP A 223 16.88 -2.02 2.26
CA TRP A 223 16.24 -1.04 1.38
C TRP A 223 14.85 -1.47 0.88
N ASP A 224 14.21 -0.60 0.10
CA ASP A 224 12.89 -0.82 -0.50
C ASP A 224 12.86 -2.07 -1.36
N SER A 225 11.83 -2.89 -1.16
CA SER A 225 11.75 -4.18 -1.83
C SER A 225 11.37 -3.99 -3.30
N ALA A 226 10.59 -2.94 -3.59
CA ALA A 226 10.27 -2.62 -4.98
C ALA A 226 11.54 -2.37 -5.77
N VAL A 227 12.59 -1.89 -5.11
CA VAL A 227 13.88 -1.65 -5.76
C VAL A 227 14.79 -2.87 -5.70
N LEU A 228 14.88 -3.50 -4.53
CA LEU A 228 15.81 -4.62 -4.34
C LEU A 228 15.46 -5.87 -5.17
N GLU A 229 14.17 -6.14 -5.33
CA GLU A 229 13.76 -7.30 -6.11
C GLU A 229 14.02 -7.07 -7.57
N PHE A 230 13.84 -5.84 -8.02
CA PHE A 230 14.17 -5.51 -9.40
C PHE A 230 15.67 -5.73 -9.62
N GLU A 231 16.49 -5.25 -8.69
CA GLU A 231 17.93 -5.39 -8.82
C GLU A 231 18.39 -6.87 -8.84
N ALA A 232 17.76 -7.70 -8.01
CA ALA A 232 18.16 -9.10 -7.91
C ALA A 232 17.77 -9.87 -9.16
N SER A 233 16.75 -9.39 -9.85
CA SER A 233 16.31 -10.04 -11.08
CA SER A 233 16.31 -10.04 -11.08
CA SER A 233 16.30 -10.02 -11.08
C SER A 233 17.15 -9.62 -12.28
N GLN A 234 17.84 -8.49 -12.16
CA GLN A 234 18.69 -8.02 -13.24
C GLN A 234 20.08 -8.57 -13.02
N LYS A 235 20.42 -8.80 -11.77
CA LYS A 235 21.78 -9.15 -11.36
C LYS A 235 21.78 -10.38 -10.47
N CYS A 236 22.00 -11.55 -11.08
CA CYS A 236 21.78 -12.83 -10.42
C CYS A 236 22.84 -13.24 -9.38
N ASP A 237 23.88 -12.42 -9.24
CA ASP A 237 24.82 -12.61 -8.13
C ASP A 237 24.28 -11.96 -6.85
N LEU A 238 23.11 -11.32 -6.96
CA LEU A 238 22.48 -10.65 -5.83
C LEU A 238 21.16 -11.34 -5.50
N VAL A 239 20.85 -11.47 -4.22
CA VAL A 239 19.56 -12.03 -3.82
C VAL A 239 19.00 -11.26 -2.64
N THR A 240 17.68 -11.30 -2.47
CA THR A 240 17.10 -10.73 -1.28
C THR A 240 16.84 -11.86 -0.28
N THR A 241 16.77 -11.51 1.00
CA THR A 241 16.55 -12.51 2.02
C THR A 241 15.57 -11.98 3.04
N GLY A 242 14.71 -12.89 3.53
CA GLY A 242 13.75 -12.70 4.63
C GLY A 242 12.36 -12.13 4.29
N GLU A 243 12.01 -12.08 3.01
CA GLU A 243 10.79 -11.40 2.56
C GLU A 243 10.76 -9.96 3.08
N LEU A 244 9.58 -9.45 3.38
CA LEU A 244 9.44 -8.08 3.88
C LEU A 244 9.41 -8.11 5.38
N PHE A 245 10.21 -7.29 6.03
CA PHE A 245 10.14 -7.22 7.49
C PHE A 245 9.32 -6.03 7.94
N PHE A 246 8.86 -5.24 6.98
CA PHE A 246 8.10 -4.05 7.26
C PHE A 246 7.39 -3.70 5.96
N ARG A 247 6.16 -3.19 6.06
CA ARG A 247 5.38 -2.84 4.89
C ARG A 247 5.17 -1.35 4.86
N SER A 248 5.28 -0.75 3.68
CA SER A 248 5.15 0.68 3.53
C SER A 248 4.80 1.02 2.09
N GLY A 249 4.35 2.24 1.84
CA GLY A 249 3.97 2.61 0.48
C GLY A 249 4.65 3.87 0.00
N PHE A 250 4.66 4.05 -1.33
CA PHE A 250 5.14 5.31 -1.91
C PHE A 250 3.96 6.15 -2.28
N GLY A 251 4.08 7.47 -2.10
CA GLY A 251 3.02 8.37 -2.46
C GLY A 251 3.58 9.64 -3.07
N ILE A 252 2.74 10.38 -3.81
CA ILE A 252 3.10 11.70 -4.31
C ILE A 252 3.15 12.65 -3.11
N GLY A 253 4.15 13.53 -3.07
CA GLY A 253 4.24 14.51 -1.99
C GLY A 253 3.89 15.91 -2.45
N MET A 254 3.07 16.61 -1.65
CA MET A 254 2.71 18.01 -1.92
C MET A 254 2.73 18.81 -0.62
N ARG A 255 2.83 20.13 -0.72
CA ARG A 255 2.68 20.98 0.44
C ARG A 255 1.23 20.95 0.89
N LYS A 256 0.97 21.29 2.15
CA LYS A 256 -0.37 21.11 2.69
C LYS A 256 -1.43 22.00 2.05
N ASP A 257 -0.98 23.06 1.37
CA ASP A 257 -1.92 23.96 0.72
C ASP A 257 -2.13 23.68 -0.78
N SER A 258 -1.69 22.54 -1.27
CA SER A 258 -1.82 22.28 -2.71
C SER A 258 -3.29 22.14 -3.08
N PRO A 259 -3.70 22.81 -4.18
CA PRO A 259 -5.05 22.68 -4.72
C PRO A 259 -5.19 21.37 -5.50
N TRP A 260 -4.08 20.67 -5.70
CA TRP A 260 -4.06 19.45 -6.52
C TRP A 260 -4.28 18.19 -5.69
N LYS A 261 -4.21 18.32 -4.38
CA LYS A 261 -4.20 17.19 -3.46
C LYS A 261 -5.26 16.14 -3.72
N GLN A 262 -6.52 16.58 -3.69
CA GLN A 262 -7.64 15.67 -3.77
C GLN A 262 -7.59 14.92 -5.11
N ASN A 263 -7.37 15.66 -6.19
CA ASN A 263 -7.46 15.09 -7.52
C ASN A 263 -6.31 14.18 -7.88
N VAL A 264 -5.14 14.45 -7.32
CA VAL A 264 -4.01 13.52 -7.43
C VAL A 264 -4.38 12.18 -6.78
N SER A 265 -4.92 12.22 -5.57
CA SER A 265 -5.30 10.99 -4.88
C SER A 265 -6.41 10.26 -5.60
N LEU A 266 -7.43 10.97 -6.06
CA LEU A 266 -8.48 10.33 -6.84
C LEU A 266 -7.91 9.68 -8.12
N SER A 267 -6.97 10.36 -8.77
CA SER A 267 -6.39 9.81 -9.99
C SER A 267 -5.62 8.52 -9.72
N ILE A 268 -4.89 8.48 -8.61
CA ILE A 268 -4.15 7.29 -8.25
C ILE A 268 -5.07 6.12 -7.96
N LEU A 269 -6.13 6.38 -7.20
CA LEU A 269 -7.12 5.35 -6.91
C LEU A 269 -7.71 4.82 -8.21
N LYS A 270 -8.11 5.73 -9.09
CA LYS A 270 -8.72 5.34 -10.36
C LYS A 270 -7.78 4.46 -11.16
N SER A 271 -6.50 4.81 -11.13
CA SER A 271 -5.47 4.15 -11.91
C SER A 271 -5.13 2.74 -11.36
N HIS A 272 -5.23 2.55 -10.05
CA HIS A 272 -5.16 1.20 -9.51
C HIS A 272 -6.34 0.37 -10.03
N GLU A 273 -7.54 0.98 -9.99
CA GLU A 273 -8.78 0.27 -10.28
C GLU A 273 -8.98 -0.10 -11.75
N ASN A 274 -8.42 0.70 -12.67
CA ASN A 274 -8.61 0.43 -14.09
C ASN A 274 -7.43 -0.25 -14.78
N GLY A 275 -6.44 -0.71 -14.03
CA GLY A 275 -5.36 -1.45 -14.63
C GLY A 275 -4.18 -0.63 -15.12
N PHE A 276 -4.23 0.68 -14.93
CA PHE A 276 -3.11 1.51 -15.34
C PHE A 276 -1.87 1.19 -14.52
N MET A 277 -2.02 1.08 -13.21
CA MET A 277 -0.88 0.74 -12.36
C MET A 277 -0.36 -0.65 -12.67
N GLU A 278 -1.27 -1.55 -13.02
CA GLU A 278 -0.89 -2.91 -13.42
C GLU A 278 0.03 -2.84 -14.64
N ASP A 279 -0.36 -2.03 -15.62
CA ASP A 279 0.48 -1.81 -16.80
C ASP A 279 1.87 -1.29 -16.42
N LEU A 280 1.92 -0.29 -15.54
CA LEU A 280 3.21 0.28 -15.18
C LEU A 280 4.10 -0.75 -14.48
N ASP A 281 3.51 -1.51 -13.57
N ASP A 281 3.49 -1.52 -13.58
CA ASP A 281 4.27 -2.50 -12.84
CA ASP A 281 4.21 -2.55 -12.83
C ASP A 281 4.81 -3.58 -13.78
C ASP A 281 4.81 -3.56 -13.79
N LYS A 282 4.02 -3.97 -14.78
CA LYS A 282 4.48 -4.93 -15.77
C LYS A 282 5.57 -4.35 -16.68
N THR A 283 5.50 -3.06 -16.96
CA THR A 283 6.49 -2.49 -17.86
C THR A 283 7.82 -2.30 -17.16
N TRP A 284 7.76 -1.84 -15.92
CA TRP A 284 8.94 -1.34 -15.23
C TRP A 284 9.41 -2.19 -14.06
N VAL A 285 8.46 -2.70 -13.28
CA VAL A 285 8.78 -3.28 -11.96
C VAL A 285 8.86 -4.80 -11.98
N ARG A 286 8.01 -5.44 -12.78
CA ARG A 286 7.93 -6.90 -12.83
C ARG A 286 9.17 -7.52 -13.45
N TYR A 287 9.39 -8.79 -13.14
CA TYR A 287 10.69 -9.41 -13.35
C TYR A 287 10.69 -10.94 -13.32
N GLN A 288 11.56 -11.54 -14.13
CA GLN A 288 11.70 -12.99 -14.13
C GLN A 288 12.73 -13.42 -13.08
N GLU A 289 12.31 -14.30 -12.17
CA GLU A 289 13.20 -14.88 -11.17
C GLU A 289 14.41 -15.56 -11.84
N CYS A 290 15.56 -15.52 -11.17
CA CYS A 290 16.79 -16.11 -11.70
C CYS A 290 16.71 -17.64 -11.81
N ASP B 2 -20.71 15.93 23.52
CA ASP B 2 -20.00 17.18 23.24
C ASP B 2 -19.05 17.01 22.04
N ASP B 3 -18.24 18.05 21.79
CA ASP B 3 -17.36 18.11 20.63
C ASP B 3 -16.34 16.96 20.58
N ASN B 4 -16.09 16.35 21.72
CA ASN B 4 -15.04 15.34 21.87
C ASN B 4 -15.62 13.92 21.88
N HIS B 5 -16.94 13.85 21.89
CA HIS B 5 -17.64 12.57 21.93
C HIS B 5 -18.17 12.27 20.53
N LEU B 6 -17.76 11.14 19.94
CA LEU B 6 -18.01 10.92 18.50
C LEU B 6 -18.96 9.76 18.21
N SER B 7 -19.93 10.01 17.34
CA SER B 7 -20.77 8.91 16.86
C SER B 7 -19.98 8.13 15.81
N ILE B 8 -19.79 6.83 16.06
CA ILE B 8 -18.97 5.99 15.18
C ILE B 8 -19.73 4.74 14.77
N VAL B 9 -19.76 4.47 13.47
CA VAL B 9 -20.45 3.31 12.94
C VAL B 9 -19.46 2.20 12.55
N THR B 10 -19.90 0.97 12.72
CA THR B 10 -19.10 -0.18 12.32
C THR B 10 -20.04 -1.25 11.79
N LEU B 11 -19.47 -2.40 11.45
CA LEU B 11 -20.23 -3.47 10.81
C LEU B 11 -19.67 -4.81 11.19
N GLU B 12 -20.55 -5.71 11.63
CA GLU B 12 -20.14 -7.03 12.06
C GLU B 12 -19.49 -7.80 10.93
N GLU B 13 -18.27 -8.25 11.17
CA GLU B 13 -17.51 -8.97 10.16
C GLU B 13 -16.23 -9.58 10.76
N ALA B 14 -16.37 -10.76 11.38
CA ALA B 14 -15.23 -11.44 11.98
C ALA B 14 -14.13 -11.66 10.93
N PRO B 15 -12.85 -11.49 11.32
CA PRO B 15 -12.32 -11.19 12.66
C PRO B 15 -12.12 -9.69 12.88
N PHE B 16 -12.54 -8.87 11.92
CA PHE B 16 -12.33 -7.43 12.02
C PHE B 16 -13.21 -6.78 13.09
N VAL B 17 -14.48 -7.18 13.09
CA VAL B 17 -15.44 -6.80 14.12
C VAL B 17 -16.28 -8.02 14.47
N ILE B 18 -16.23 -8.38 15.74
CA ILE B 18 -16.94 -9.53 16.26
C ILE B 18 -17.94 -9.03 17.31
N VAL B 19 -19.20 -9.43 17.17
CA VAL B 19 -20.25 -8.96 18.06
C VAL B 19 -20.68 -10.06 18.99
N GLU B 20 -20.83 -9.72 20.27
CA GLU B 20 -21.23 -10.65 21.32
C GLU B 20 -22.38 -10.06 22.12
N ASP B 21 -23.07 -10.90 22.88
CA ASP B 21 -24.08 -10.42 23.81
C ASP B 21 -23.44 -9.91 25.10
N ILE B 22 -24.07 -8.92 25.72
CA ILE B 22 -23.60 -8.36 26.97
C ILE B 22 -23.73 -9.41 28.08
N ASP B 23 -22.94 -9.28 29.15
CA ASP B 23 -22.95 -10.25 30.24
C ASP B 23 -24.31 -10.33 30.94
N THR B 26 -24.22 -9.35 34.02
CA THR B 26 -23.45 -8.26 34.63
C THR B 26 -23.70 -6.92 33.95
N GLU B 27 -24.60 -6.93 32.97
CA GLU B 27 -25.02 -5.74 32.21
C GLU B 27 -23.91 -4.90 31.55
N THR B 28 -22.67 -5.37 31.59
CA THR B 28 -21.55 -4.60 31.01
C THR B 28 -20.60 -5.40 30.12
N CYS B 29 -19.84 -4.65 29.31
CA CYS B 29 -18.87 -5.21 28.37
C CYS B 29 -17.48 -5.29 28.99
N VAL B 30 -16.95 -6.50 29.10
CA VAL B 30 -15.67 -6.70 29.75
C VAL B 30 -14.61 -7.28 28.81
N ARG B 31 -13.47 -7.65 29.39
CA ARG B 31 -12.32 -8.11 28.63
C ARG B 31 -11.90 -7.10 27.57
N ASN B 32 -11.63 -7.58 26.36
CA ASN B 32 -11.20 -6.70 25.28
C ASN B 32 -12.34 -6.13 24.44
N THR B 33 -13.58 -6.23 24.94
CA THR B 33 -14.74 -5.76 24.19
C THR B 33 -15.13 -4.35 24.60
N VAL B 34 -15.84 -3.65 23.72
CA VAL B 34 -16.37 -2.32 24.02
C VAL B 34 -17.87 -2.31 23.72
N PRO B 35 -18.62 -1.36 24.32
CA PRO B 35 -20.05 -1.29 24.04
C PRO B 35 -20.28 -0.90 22.59
N CYS B 36 -21.27 -1.53 21.96
CA CYS B 36 -21.76 -1.12 20.65
C CYS B 36 -23.24 -1.43 20.64
N ARG B 37 -24.04 -0.55 20.08
CA ARG B 37 -25.47 -0.81 20.02
C ARG B 37 -25.94 -1.16 18.61
N LYS B 38 -27.08 -1.84 18.53
CA LYS B 38 -27.63 -2.21 17.25
C LYS B 38 -29.12 -1.92 17.25
N PHE B 39 -29.59 -1.24 16.22
CA PHE B 39 -31.02 -1.05 16.03
C PHE B 39 -31.60 -2.34 15.44
N VAL B 40 -32.30 -3.12 16.25
CA VAL B 40 -32.78 -4.43 15.83
C VAL B 40 -34.24 -4.41 15.42
N LYS B 41 -34.51 -4.83 14.19
CA LYS B 41 -35.87 -4.77 13.62
C LYS B 41 -36.85 -5.71 14.32
N ILE B 42 -38.09 -5.26 14.41
CA ILE B 42 -39.17 -6.02 15.01
C ILE B 42 -39.50 -7.23 14.17
N ASN B 43 -39.58 -7.01 12.85
CA ASN B 43 -39.78 -8.09 11.89
C ASN B 43 -39.27 -7.64 10.54
N ASN B 44 -39.44 -8.47 9.51
CA ASN B 44 -38.88 -8.16 8.19
C ASN B 44 -39.75 -7.28 7.27
N SER B 45 -40.86 -6.78 7.80
CA SER B 45 -41.79 -6.01 6.96
C SER B 45 -42.09 -4.65 7.55
N THR B 46 -41.13 -4.11 8.29
CA THR B 46 -41.38 -2.88 9.02
C THR B 46 -40.10 -2.07 9.19
N ASN B 47 -40.25 -0.77 9.42
CA ASN B 47 -39.14 0.08 9.86
C ASN B 47 -39.07 0.16 11.40
N GLU B 48 -40.01 -0.49 12.08
CA GLU B 48 -39.96 -0.51 13.55
C GLU B 48 -38.79 -1.35 14.05
N GLY B 49 -38.22 -0.92 15.17
CA GLY B 49 -37.12 -1.65 15.79
C GLY B 49 -36.77 -1.13 17.17
N MET B 50 -35.73 -1.70 17.78
CA MET B 50 -35.35 -1.39 19.14
C MET B 50 -33.85 -1.40 19.24
N ASN B 51 -33.29 -0.40 19.92
CA ASN B 51 -31.85 -0.36 20.17
C ASN B 51 -31.48 -1.41 21.19
N VAL B 52 -30.48 -2.21 20.86
CA VAL B 52 -30.06 -3.29 21.73
C VAL B 52 -28.59 -3.13 22.05
N LYS B 53 -28.24 -3.29 23.32
CA LYS B 53 -26.85 -3.17 23.75
C LYS B 53 -26.06 -4.43 23.47
N LYS B 54 -24.91 -4.28 22.83
CA LYS B 54 -24.04 -5.39 22.49
C LYS B 54 -22.60 -5.10 22.91
N CYS B 55 -21.71 -6.06 22.66
CA CYS B 55 -20.28 -5.87 22.90
C CYS B 55 -19.53 -6.24 21.62
N CYS B 56 -18.59 -5.39 21.23
CA CYS B 56 -17.79 -5.59 20.03
C CYS B 56 -16.32 -5.76 20.35
N LYS B 57 -15.64 -6.59 19.58
CA LYS B 57 -14.20 -6.74 19.68
C LYS B 57 -13.68 -7.12 18.31
N GLY B 58 -12.37 -7.12 18.14
CA GLY B 58 -11.76 -7.57 16.90
C GLY B 58 -10.59 -6.69 16.50
N PHE B 59 -10.02 -6.98 15.34
CA PHE B 59 -8.93 -6.19 14.76
C PHE B 59 -9.27 -4.70 14.68
N CYS B 60 -10.38 -4.35 14.03
CA CYS B 60 -10.77 -2.95 13.90
C CYS B 60 -11.13 -2.27 15.23
N ILE B 61 -11.73 -3.03 16.13
CA ILE B 61 -12.04 -2.51 17.47
C ILE B 61 -10.76 -2.17 18.25
N ASP B 62 -9.76 -3.04 18.19
CA ASP B 62 -8.47 -2.70 18.80
C ASP B 62 -7.89 -1.43 18.18
N ILE B 63 -7.97 -1.29 16.86
CA ILE B 63 -7.56 -0.03 16.22
C ILE B 63 -8.33 1.17 16.78
N LEU B 64 -9.64 1.04 16.87
CA LEU B 64 -10.46 2.13 17.42
C LEU B 64 -10.03 2.47 18.84
N LYS B 65 -9.72 1.45 19.64
CA LYS B 65 -9.28 1.70 21.01
C LYS B 65 -7.97 2.50 21.05
N LYS B 66 -7.02 2.11 20.22
CA LYS B 66 -5.75 2.82 20.10
C LYS B 66 -5.99 4.27 19.68
N LEU B 67 -6.80 4.48 18.65
CA LEU B 67 -7.07 5.83 18.19
C LEU B 67 -7.70 6.70 19.28
N SER B 68 -8.67 6.13 19.98
CA SER B 68 -9.38 6.81 21.05
C SER B 68 -8.39 7.28 22.13
N ARG B 69 -7.47 6.40 22.51
CA ARG B 69 -6.43 6.74 23.49
C ARG B 69 -5.45 7.79 22.94
N THR B 70 -4.91 7.56 21.75
CA THR B 70 -3.91 8.46 21.19
C THR B 70 -4.45 9.83 20.79
N VAL B 71 -5.54 9.84 20.03
CA VAL B 71 -6.11 11.08 19.52
C VAL B 71 -7.01 11.76 20.58
N LYS B 72 -7.31 11.03 21.65
CA LYS B 72 -8.06 11.56 22.79
C LYS B 72 -9.49 11.97 22.41
N PHE B 73 -10.29 11.01 21.98
CA PHE B 73 -11.72 11.23 21.83
C PHE B 73 -12.45 10.10 22.53
N THR B 74 -13.72 10.33 22.79
CA THR B 74 -14.59 9.29 23.34
C THR B 74 -15.62 9.00 22.26
N TYR B 75 -16.26 7.83 22.31
CA TYR B 75 -17.18 7.49 21.23
C TYR B 75 -18.42 6.70 21.63
N ASP B 76 -19.44 6.82 20.81
CA ASP B 76 -20.62 5.99 20.90
C ASP B 76 -20.68 5.13 19.65
N LEU B 77 -20.44 3.85 19.81
CA LEU B 77 -20.25 2.95 18.70
C LEU B 77 -21.57 2.21 18.38
N TYR B 78 -21.98 2.24 17.12
CA TYR B 78 -23.14 1.45 16.69
C TYR B 78 -22.87 0.64 15.42
N LEU B 79 -23.67 -0.40 15.23
CA LEU B 79 -23.54 -1.29 14.11
C LEU B 79 -24.53 -0.86 13.03
N VAL B 80 -24.08 -0.81 11.78
CA VAL B 80 -24.97 -0.35 10.72
C VAL B 80 -26.04 -1.40 10.47
N THR B 81 -27.23 -0.96 10.11
CA THR B 81 -28.35 -1.89 9.93
C THR B 81 -28.91 -1.93 8.52
N ASN B 82 -28.82 -0.80 7.83
CA ASN B 82 -29.17 -0.76 6.42
C ASN B 82 -27.93 -0.90 5.54
N GLY B 83 -27.71 -2.10 5.02
CA GLY B 83 -26.58 -2.33 4.13
C GLY B 83 -25.38 -2.89 4.86
N LYS B 84 -24.27 -2.99 4.15
CA LYS B 84 -23.03 -3.45 4.74
C LYS B 84 -22.01 -2.30 4.73
N HIS B 85 -21.01 -2.44 3.88
CA HIS B 85 -19.94 -1.45 3.80
C HIS B 85 -20.40 -0.16 3.13
N GLY B 86 -21.16 -0.27 2.05
CA GLY B 86 -21.66 0.91 1.36
C GLY B 86 -21.76 0.70 -0.15
N LYS B 87 -22.98 0.81 -0.68
CA LYS B 87 -23.22 0.81 -2.12
C LYS B 87 -24.13 1.98 -2.43
N LYS B 88 -24.01 2.56 -3.63
CA LYS B 88 -24.93 3.61 -4.06
C LYS B 88 -26.11 2.96 -4.79
N VAL B 89 -27.28 3.02 -4.16
CA VAL B 89 -28.51 2.49 -4.76
C VAL B 89 -29.52 3.62 -4.98
N ASN B 90 -29.94 3.80 -6.23
CA ASN B 90 -30.80 4.92 -6.62
C ASN B 90 -30.18 6.25 -6.25
N ASN B 91 -28.87 6.36 -6.48
CA ASN B 91 -28.08 7.53 -6.07
C ASN B 91 -28.16 7.87 -4.58
N VAL B 92 -28.45 6.87 -3.76
CA VAL B 92 -28.38 7.02 -2.31
C VAL B 92 -27.42 6.00 -1.73
N TRP B 93 -26.45 6.48 -0.97
CA TRP B 93 -25.48 5.61 -0.34
C TRP B 93 -26.07 4.89 0.88
N ASN B 94 -25.90 3.57 0.92
CA ASN B 94 -26.30 2.80 2.08
C ASN B 94 -25.07 2.40 2.90
N GLY B 95 -25.27 1.52 3.88
CA GLY B 95 -24.16 0.94 4.62
C GLY B 95 -23.38 1.95 5.44
N MET B 96 -22.16 1.57 5.82
CA MET B 96 -21.30 2.45 6.62
C MET B 96 -21.03 3.78 5.93
N ILE B 97 -20.75 3.70 4.63
CA ILE B 97 -20.52 4.90 3.84
C ILE B 97 -21.70 5.88 3.98
N GLY B 98 -22.92 5.36 3.86
CA GLY B 98 -24.12 6.19 4.00
C GLY B 98 -24.21 6.90 5.33
N GLU B 99 -23.95 6.17 6.43
CA GLU B 99 -23.98 6.81 7.76
C GLU B 99 -23.06 8.03 7.83
N VAL B 100 -21.88 7.91 7.23
CA VAL B 100 -20.94 9.03 7.23
C VAL B 100 -21.40 10.17 6.30
N VAL B 101 -21.75 9.83 5.07
CA VAL B 101 -22.19 10.82 4.10
C VAL B 101 -23.37 11.63 4.63
N TYR B 102 -24.32 10.95 5.26
CA TYR B 102 -25.51 11.64 5.75
C TYR B 102 -25.38 12.09 7.21
N GLN B 103 -24.15 12.17 7.67
CA GLN B 103 -23.79 12.81 8.94
C GLN B 103 -24.34 12.14 10.20
N ARG B 104 -24.63 10.85 10.12
CA ARG B 104 -25.09 10.14 11.31
C ARG B 104 -23.92 9.55 12.08
N ALA B 105 -22.78 9.43 11.40
CA ALA B 105 -21.55 9.02 12.06
C ALA B 105 -20.43 9.98 11.67
N VAL B 106 -19.54 10.24 12.61
CA VAL B 106 -18.36 11.05 12.35
C VAL B 106 -17.33 10.19 11.63
N MET B 107 -17.29 8.90 11.94
CA MET B 107 -16.42 8.03 11.19
C MET B 107 -16.93 6.62 11.14
N ALA B 108 -16.38 5.87 10.18
CA ALA B 108 -16.70 4.45 10.06
C ALA B 108 -15.42 3.65 10.15
N VAL B 109 -15.50 2.59 10.94
CA VAL B 109 -14.39 1.72 11.23
C VAL B 109 -14.83 0.29 10.91
N GLY B 110 -13.99 -0.44 10.19
CA GLY B 110 -14.35 -1.78 9.79
C GLY B 110 -13.52 -2.13 8.58
N SER B 111 -13.86 -3.26 7.97
CA SER B 111 -13.15 -3.77 6.80
C SER B 111 -13.58 -3.01 5.54
N LEU B 112 -13.39 -1.71 5.58
CA LEU B 112 -13.94 -0.80 4.60
C LEU B 112 -12.90 -0.47 3.52
N THR B 113 -13.08 -0.99 2.31
CA THR B 113 -12.09 -0.83 1.27
C THR B 113 -12.09 0.60 0.69
N ILE B 114 -10.90 1.17 0.54
CA ILE B 114 -10.73 2.49 -0.06
C ILE B 114 -10.83 2.39 -1.58
N ASN B 115 -11.76 3.15 -2.17
CA ASN B 115 -11.82 3.25 -3.62
C ASN B 115 -12.19 4.65 -4.13
N GLU B 116 -12.12 4.84 -5.45
CA GLU B 116 -12.37 6.15 -6.05
C GLU B 116 -13.80 6.62 -5.83
N GLU B 117 -14.75 5.73 -6.07
CA GLU B 117 -16.16 6.08 -5.98
C GLU B 117 -16.52 6.62 -4.59
N ARG B 118 -16.11 5.89 -3.55
CA ARG B 118 -16.39 6.29 -2.17
C ARG B 118 -15.62 7.54 -1.78
N SER B 119 -14.42 7.71 -2.35
CA SER B 119 -13.57 8.83 -2.02
C SER B 119 -14.15 10.14 -2.53
N GLU B 120 -15.12 10.04 -3.44
CA GLU B 120 -15.77 11.24 -3.94
C GLU B 120 -16.71 11.80 -2.89
N VAL B 121 -17.21 10.93 -2.00
CA VAL B 121 -18.17 11.39 -1.01
C VAL B 121 -17.72 11.33 0.46
N VAL B 122 -16.65 10.59 0.75
CA VAL B 122 -16.08 10.62 2.10
C VAL B 122 -14.59 10.81 1.97
N ASP B 123 -13.94 11.22 3.06
CA ASP B 123 -12.49 11.21 3.09
C ASP B 123 -12.05 9.89 3.74
N PHE B 124 -10.91 9.36 3.32
CA PHE B 124 -10.39 8.14 3.93
C PHE B 124 -9.09 8.43 4.65
N SER B 125 -8.88 7.77 5.78
CA SER B 125 -7.58 7.76 6.43
C SER B 125 -6.57 7.09 5.51
N VAL B 126 -5.29 7.10 5.89
CA VAL B 126 -4.33 6.21 5.24
C VAL B 126 -4.78 4.75 5.42
N PRO B 127 -4.42 3.87 4.47
CA PRO B 127 -4.73 2.45 4.65
C PRO B 127 -4.06 1.84 5.89
N PHE B 128 -4.80 1.03 6.65
CA PHE B 128 -4.23 0.36 7.81
C PHE B 128 -4.10 -1.15 7.63
N VAL B 129 -4.64 -1.67 6.54
CA VAL B 129 -4.49 -3.07 6.12
C VAL B 129 -4.42 -3.08 4.60
N GLU B 130 -3.44 -3.76 4.03
CA GLU B 130 -3.35 -3.85 2.58
C GLU B 130 -4.34 -4.88 2.00
N THR B 131 -5.01 -4.49 0.93
CA THR B 131 -5.82 -5.45 0.19
C THR B 131 -5.77 -5.18 -1.32
N GLY B 132 -6.65 -5.83 -2.05
CA GLY B 132 -6.68 -5.71 -3.50
C GLY B 132 -7.37 -6.95 -4.03
N ILE B 133 -7.19 -7.22 -5.31
CA ILE B 133 -7.75 -8.44 -5.87
C ILE B 133 -6.68 -9.50 -5.96
N SER B 134 -6.84 -10.57 -5.20
CA SER B 134 -5.87 -11.63 -5.18
C SER B 134 -6.48 -12.93 -5.66
N VAL B 135 -5.68 -13.99 -5.64
CA VAL B 135 -6.07 -15.31 -6.15
C VAL B 135 -5.64 -16.40 -5.16
N MET B 136 -6.56 -17.29 -4.82
CA MET B 136 -6.21 -18.44 -3.99
C MET B 136 -6.27 -19.73 -4.79
N VAL B 137 -5.27 -20.59 -4.60
CA VAL B 137 -5.25 -21.88 -5.25
C VAL B 137 -4.85 -22.96 -4.25
N SER B 138 -5.00 -24.22 -4.66
CA SER B 138 -4.44 -25.31 -3.90
C SER B 138 -2.97 -25.43 -4.30
N ARG B 139 -2.09 -25.61 -3.32
CA ARG B 139 -0.64 -25.67 -3.55
C ARG B 139 -0.26 -26.61 -4.69
N GLY B 140 0.58 -26.14 -5.60
CA GLY B 140 0.87 -26.89 -6.81
C GLY B 140 0.33 -26.21 -8.05
N THR B 141 -0.87 -25.66 -7.96
CA THR B 141 -1.46 -24.94 -9.09
C THR B 141 -0.69 -23.67 -9.41
N GLN B 142 -0.37 -23.47 -10.69
CA GLN B 142 0.51 -22.38 -11.10
C GLN B 142 -0.23 -21.25 -11.82
N VAL B 143 -0.33 -20.10 -11.16
CA VAL B 143 -0.82 -18.86 -11.79
C VAL B 143 -0.15 -17.68 -11.14
N THR B 144 -0.11 -16.57 -11.86
CA THR B 144 0.28 -15.31 -11.26
C THR B 144 -1.00 -14.66 -10.75
N GLY B 145 -1.15 -13.36 -10.92
CA GLY B 145 -2.35 -12.71 -10.44
C GLY B 145 -3.45 -12.66 -11.49
N LEU B 146 -4.41 -11.76 -11.26
CA LEU B 146 -5.54 -11.57 -12.14
C LEU B 146 -5.17 -11.39 -13.63
N SER B 147 -4.05 -10.73 -13.91
CA SER B 147 -3.71 -10.39 -15.29
C SER B 147 -3.03 -11.50 -16.09
N ASP B 148 -2.84 -12.66 -15.47
CA ASP B 148 -2.27 -13.82 -16.13
C ASP B 148 -3.08 -14.14 -17.39
N LYS B 149 -2.40 -14.42 -18.51
CA LYS B 149 -3.09 -14.82 -19.74
C LYS B 149 -3.97 -16.07 -19.53
N LYS B 150 -3.59 -16.92 -18.58
CA LYS B 150 -4.38 -18.11 -18.25
C LYS B 150 -5.77 -17.75 -17.76
N PHE B 151 -5.89 -16.55 -17.19
CA PHE B 151 -7.19 -15.99 -16.82
C PHE B 151 -7.80 -15.18 -17.96
N GLN B 152 -6.99 -14.37 -18.64
CA GLN B 152 -7.49 -13.46 -19.66
C GLN B 152 -7.98 -14.22 -20.90
N ARG B 153 -7.25 -15.26 -21.26
CA ARG B 153 -7.56 -16.07 -22.44
C ARG B 153 -7.45 -17.56 -22.08
N PRO B 154 -8.41 -18.08 -21.31
CA PRO B 154 -8.30 -19.45 -20.75
C PRO B 154 -8.22 -20.52 -21.83
N HIS B 155 -8.77 -20.22 -23.00
CA HIS B 155 -8.88 -21.18 -24.10
CA HIS B 155 -8.86 -21.22 -24.05
C HIS B 155 -7.55 -21.38 -24.83
N ASP B 156 -6.59 -20.52 -24.51
CA ASP B 156 -5.24 -20.62 -25.05
C ASP B 156 -4.46 -21.73 -24.35
N TYR B 157 -5.06 -22.34 -23.33
CA TYR B 157 -4.34 -23.32 -22.49
C TYR B 157 -5.14 -24.60 -22.39
N SER B 158 -4.44 -25.71 -22.15
CA SER B 158 -5.10 -27.00 -21.95
C SER B 158 -4.55 -27.73 -20.71
N PRO B 159 -5.46 -28.23 -19.85
CA PRO B 159 -6.91 -28.00 -19.94
C PRO B 159 -7.20 -26.54 -19.62
N PRO B 160 -8.37 -26.03 -20.02
CA PRO B 160 -8.67 -24.65 -19.63
C PRO B 160 -8.96 -24.52 -18.12
N PHE B 161 -8.44 -23.45 -17.54
CA PHE B 161 -8.57 -23.19 -16.12
C PHE B 161 -10.01 -22.96 -15.67
N ARG B 162 -10.38 -23.57 -14.55
CA ARG B 162 -11.66 -23.27 -13.92
C ARG B 162 -11.48 -22.30 -12.74
N PHE B 163 -12.08 -21.11 -12.84
CA PHE B 163 -11.89 -20.09 -11.81
C PHE B 163 -13.10 -19.18 -11.73
N GLY B 164 -13.37 -18.70 -10.53
CA GLY B 164 -14.57 -17.96 -10.27
C GLY B 164 -14.44 -17.03 -9.08
N THR B 165 -15.50 -16.29 -8.82
CA THR B 165 -15.52 -15.36 -7.71
C THR B 165 -16.92 -15.42 -7.10
N VAL B 166 -17.21 -14.54 -6.15
CA VAL B 166 -18.55 -14.43 -5.60
C VAL B 166 -19.28 -13.35 -6.39
N PRO B 167 -20.46 -13.69 -6.93
CA PRO B 167 -21.20 -12.72 -7.73
C PRO B 167 -21.64 -11.50 -6.90
N ASN B 168 -21.75 -10.36 -7.57
CA ASN B 168 -22.35 -9.15 -7.02
C ASN B 168 -21.52 -8.35 -6.02
N GLY B 169 -20.23 -8.65 -5.98
CA GLY B 169 -19.30 -7.91 -5.15
C GLY B 169 -18.31 -7.10 -5.96
N SER B 170 -17.33 -6.51 -5.28
CA SER B 170 -16.42 -5.56 -5.92
C SER B 170 -15.43 -6.25 -6.83
N THR B 171 -15.05 -7.47 -6.49
CA THR B 171 -14.13 -8.22 -7.36
C THR B 171 -14.79 -8.43 -8.71
N GLU B 172 -16.01 -8.97 -8.72
CA GLU B 172 -16.73 -9.20 -9.97
C GLU B 172 -16.90 -7.90 -10.73
N ARG B 173 -17.25 -6.84 -10.01
CA ARG B 173 -17.44 -5.55 -10.63
C ARG B 173 -16.16 -5.08 -11.32
N ASN B 174 -15.04 -5.23 -10.64
CA ASN B 174 -13.78 -4.84 -11.23
C ASN B 174 -13.46 -5.67 -12.47
N ILE B 175 -13.66 -6.98 -12.38
CA ILE B 175 -13.34 -7.86 -13.50
C ILE B 175 -14.21 -7.50 -14.71
N ARG B 176 -15.49 -7.25 -14.46
CA ARG B 176 -16.43 -6.86 -15.51
C ARG B 176 -15.90 -5.64 -16.28
N ASN B 177 -15.38 -4.67 -15.55
CA ASN B 177 -14.85 -3.45 -16.16
C ASN B 177 -13.54 -3.65 -16.86
N ASN B 178 -12.68 -4.51 -16.34
CA ASN B 178 -11.32 -4.60 -16.86
C ASN B 178 -11.03 -5.71 -17.86
N TYR B 179 -11.72 -6.83 -17.69
CA TYR B 179 -11.49 -8.04 -18.48
C TYR B 179 -12.80 -8.66 -18.90
N PRO B 180 -13.46 -8.05 -19.90
CA PRO B 180 -14.83 -8.46 -20.21
C PRO B 180 -14.98 -9.94 -20.57
N TYR B 181 -14.04 -10.51 -21.31
CA TYR B 181 -14.20 -11.93 -21.65
C TYR B 181 -14.00 -12.83 -20.43
N MET B 182 -13.01 -12.49 -19.62
CA MET B 182 -12.76 -13.23 -18.39
C MET B 182 -14.01 -13.23 -17.53
N HIS B 183 -14.69 -12.10 -17.46
CA HIS B 183 -15.87 -11.99 -16.61
C HIS B 183 -16.97 -12.90 -17.12
N GLN B 184 -17.18 -12.87 -18.43
CA GLN B 184 -18.14 -13.75 -19.07
C GLN B 184 -17.79 -15.22 -18.82
N TYR B 185 -16.50 -15.54 -18.90
CA TYR B 185 -16.02 -16.92 -18.74
C TYR B 185 -16.25 -17.46 -17.32
N MET B 186 -16.17 -16.58 -16.33
CA MET B 186 -16.18 -16.99 -14.93
C MET B 186 -17.57 -17.26 -14.43
N THR B 187 -18.58 -16.74 -15.14
CA THR B 187 -19.95 -16.77 -14.62
C THR B 187 -20.40 -18.20 -14.26
N ARG B 188 -19.96 -19.18 -15.02
CA ARG B 188 -20.40 -20.55 -14.78
C ARG B 188 -19.63 -21.21 -13.64
N PHE B 189 -18.59 -20.55 -13.15
CA PHE B 189 -17.79 -21.08 -12.05
C PHE B 189 -17.93 -20.24 -10.78
N ASN B 190 -18.89 -19.34 -10.74
CA ASN B 190 -18.95 -18.48 -9.58
CA ASN B 190 -19.00 -18.45 -9.59
C ASN B 190 -19.48 -19.19 -8.34
N GLN B 191 -19.15 -18.67 -7.17
CA GLN B 191 -19.41 -19.36 -5.92
C GLN B 191 -20.33 -18.57 -5.00
N ARG B 192 -21.21 -19.29 -4.30
CA ARG B 192 -22.21 -18.66 -3.42
C ARG B 192 -21.56 -17.77 -2.35
N GLY B 193 -20.42 -18.22 -1.85
CA GLY B 193 -19.67 -17.46 -0.86
C GLY B 193 -18.28 -18.01 -0.70
N VAL B 194 -17.50 -17.37 0.17
CA VAL B 194 -16.11 -17.74 0.41
C VAL B 194 -15.96 -19.20 0.87
N GLU B 195 -16.81 -19.62 1.80
CA GLU B 195 -16.79 -20.99 2.33
C GLU B 195 -16.97 -22.04 1.24
N ASP B 196 -17.97 -21.85 0.40
CA ASP B 196 -18.22 -22.78 -0.71
C ASP B 196 -17.04 -22.80 -1.67
N ALA B 197 -16.37 -21.65 -1.83
CA ALA B 197 -15.25 -21.54 -2.75
C ALA B 197 -14.07 -22.37 -2.24
N LEU B 198 -13.85 -22.34 -0.93
CA LEU B 198 -12.73 -23.07 -0.34
C LEU B 198 -12.92 -24.58 -0.49
N VAL B 199 -14.15 -25.03 -0.37
CA VAL B 199 -14.46 -26.44 -0.58
C VAL B 199 -14.23 -26.82 -2.03
N SER B 200 -14.69 -25.98 -2.96
CA SER B 200 -14.53 -26.25 -4.38
C SER B 200 -13.07 -26.43 -4.70
N LEU B 201 -12.23 -25.57 -4.12
CA LEU B 201 -10.79 -25.67 -4.36
C LEU B 201 -10.22 -26.98 -3.79
N LYS B 202 -10.61 -27.30 -2.55
CA LYS B 202 -10.11 -28.47 -1.83
C LYS B 202 -10.55 -29.80 -2.46
N THR B 203 -11.75 -29.79 -3.06
CA THR B 203 -12.31 -31.00 -3.65
C THR B 203 -12.02 -31.06 -5.14
N GLY B 204 -11.22 -30.12 -5.65
CA GLY B 204 -10.78 -30.16 -7.03
C GLY B 204 -11.81 -29.75 -8.08
N LYS B 205 -12.92 -29.18 -7.63
CA LYS B 205 -13.95 -28.74 -8.56
C LYS B 205 -13.64 -27.34 -9.13
N LEU B 206 -12.66 -26.67 -8.54
CA LEU B 206 -12.28 -25.33 -8.95
C LEU B 206 -10.76 -25.22 -8.85
N ASP B 207 -10.11 -24.55 -9.81
CA ASP B 207 -8.65 -24.40 -9.76
C ASP B 207 -8.18 -23.10 -9.07
N ALA B 208 -9.01 -22.06 -9.12
CA ALA B 208 -8.60 -20.80 -8.54
C ALA B 208 -9.83 -20.02 -8.16
N PHE B 209 -9.69 -19.25 -7.08
CA PHE B 209 -10.74 -18.44 -6.53
C PHE B 209 -10.18 -17.02 -6.42
N ILE B 210 -10.88 -16.08 -7.03
CA ILE B 210 -10.39 -14.70 -7.14
C ILE B 210 -11.21 -13.81 -6.22
N TYR B 211 -10.55 -13.09 -5.33
CA TYR B 211 -11.26 -12.36 -4.28
C TYR B 211 -10.38 -11.33 -3.56
N ASP B 212 -10.98 -10.63 -2.61
CA ASP B 212 -10.30 -9.64 -1.77
C ASP B 212 -9.07 -10.25 -1.09
N ALA B 213 -7.94 -9.56 -1.19
CA ALA B 213 -6.66 -10.13 -0.74
C ALA B 213 -6.61 -10.39 0.76
N ALA B 214 -7.13 -9.45 1.54
CA ALA B 214 -7.06 -9.57 2.99
C ALA B 214 -7.88 -10.77 3.45
N VAL B 215 -9.07 -10.92 2.87
CA VAL B 215 -9.91 -12.07 3.18
C VAL B 215 -9.21 -13.39 2.82
N LEU B 216 -8.65 -13.47 1.62
CA LEU B 216 -7.98 -14.69 1.19
C LEU B 216 -6.75 -15.02 2.06
N ASN B 217 -5.99 -13.99 2.46
CA ASN B 217 -4.82 -14.20 3.31
C ASN B 217 -5.27 -14.74 4.65
N TYR B 218 -6.35 -14.18 5.19
CA TYR B 218 -6.94 -14.68 6.43
C TYR B 218 -7.29 -16.17 6.30
N LYS B 219 -8.01 -16.51 5.24
CA LYS B 219 -8.42 -17.90 5.04
C LYS B 219 -7.24 -18.86 4.84
N ALA B 220 -6.25 -18.46 4.04
CA ALA B 220 -5.07 -19.29 3.83
C ALA B 220 -4.34 -19.56 5.15
N GLY B 221 -4.31 -18.56 6.02
CA GLY B 221 -3.67 -18.69 7.32
C GLY B 221 -4.24 -19.79 8.22
N ARG B 222 -5.49 -20.18 7.96
CA ARG B 222 -6.18 -21.10 8.86
C ARG B 222 -6.78 -22.31 8.13
N ASP B 223 -6.24 -22.62 6.97
CA ASP B 223 -6.68 -23.77 6.19
C ASP B 223 -6.19 -25.08 6.79
N GLU B 224 -7.11 -25.93 7.25
CA GLU B 224 -6.75 -27.26 7.78
C GLU B 224 -5.95 -28.06 6.75
N GLY B 225 -4.65 -28.24 7.02
CA GLY B 225 -3.76 -28.92 6.09
C GLY B 225 -2.74 -27.99 5.45
N CYS B 226 -3.06 -26.69 5.51
CA CYS B 226 -2.20 -25.65 4.96
C CYS B 226 -1.83 -25.88 3.50
N LYS B 227 -2.79 -26.36 2.73
CA LYS B 227 -2.60 -26.63 1.30
C LYS B 227 -3.11 -25.47 0.43
N LEU B 228 -4.04 -24.68 0.98
CA LEU B 228 -4.58 -23.52 0.26
C LEU B 228 -3.66 -22.31 0.40
N VAL B 229 -3.31 -21.70 -0.72
CA VAL B 229 -2.33 -20.63 -0.71
C VAL B 229 -2.73 -19.48 -1.64
N THR B 230 -2.25 -18.27 -1.38
CA THR B 230 -2.48 -17.11 -2.26
C THR B 230 -1.20 -16.78 -3.01
N ILE B 231 -1.35 -16.12 -4.15
CA ILE B 231 -0.22 -15.57 -4.90
C ILE B 231 0.56 -14.57 -4.04
N GLY B 232 1.79 -14.28 -4.43
CA GLY B 232 2.59 -13.30 -3.73
C GLY B 232 2.02 -11.89 -3.84
N SER B 233 2.22 -11.09 -2.81
CA SER B 233 1.59 -9.79 -2.71
C SER B 233 2.03 -8.89 -3.85
N GLY B 234 3.17 -9.23 -4.45
CA GLY B 234 3.64 -8.46 -5.59
C GLY B 234 2.71 -8.56 -6.78
N TYR B 235 1.82 -9.54 -6.77
CA TYR B 235 0.94 -9.77 -7.91
C TYR B 235 -0.52 -9.38 -7.66
N ILE B 236 -0.79 -8.83 -6.49
CA ILE B 236 -2.13 -8.33 -6.20
C ILE B 236 -2.51 -7.25 -7.24
N PHE B 237 -3.74 -7.33 -7.74
CA PHE B 237 -4.25 -6.40 -8.75
C PHE B 237 -5.12 -5.34 -8.08
N ALA B 238 -5.01 -4.11 -8.55
CA ALA B 238 -5.73 -2.97 -7.96
C ALA B 238 -5.46 -2.85 -6.46
N THR B 239 -4.19 -2.79 -6.10
CA THR B 239 -3.81 -2.72 -4.70
C THR B 239 -4.43 -1.48 -4.06
N THR B 240 -4.92 -1.66 -2.84
CA THR B 240 -5.53 -0.59 -2.07
C THR B 240 -5.44 -1.01 -0.59
N GLY B 241 -6.33 -0.49 0.24
CA GLY B 241 -6.29 -0.84 1.65
C GLY B 241 -7.64 -0.65 2.30
N TYR B 242 -7.83 -1.20 3.49
CA TYR B 242 -8.97 -0.84 4.32
C TYR B 242 -8.56 0.44 5.02
N GLY B 243 -9.49 1.38 5.10
CA GLY B 243 -9.25 2.63 5.80
C GLY B 243 -10.47 3.11 6.55
N ILE B 244 -10.26 4.05 7.46
CA ILE B 244 -11.34 4.68 8.18
C ILE B 244 -11.97 5.77 7.34
N ALA B 245 -13.30 5.75 7.22
CA ALA B 245 -14.00 6.78 6.48
C ALA B 245 -14.42 7.89 7.43
N LEU B 246 -14.17 9.13 7.03
CA LEU B 246 -14.60 10.31 7.79
C LEU B 246 -15.41 11.19 6.88
N GLN B 247 -16.11 12.16 7.44
CA GLN B 247 -16.86 13.11 6.63
C GLN B 247 -15.88 13.97 5.87
N LYS B 248 -16.27 14.37 4.67
CA LYS B 248 -15.41 15.20 3.85
C LYS B 248 -15.08 16.49 4.61
N GLY B 249 -13.80 16.87 4.62
CA GLY B 249 -13.34 18.06 5.30
C GLY B 249 -13.27 17.93 6.82
N SER B 250 -13.36 16.70 7.32
CA SER B 250 -13.39 16.43 8.76
C SER B 250 -12.16 16.93 9.51
N PRO B 251 -12.38 17.51 10.70
CA PRO B 251 -11.29 18.06 11.51
C PRO B 251 -10.51 16.97 12.23
N TRP B 252 -10.94 15.72 12.10
CA TRP B 252 -10.25 14.59 12.74
C TRP B 252 -9.25 13.88 11.83
N LYS B 253 -9.33 14.12 10.54
CA LYS B 253 -8.60 13.29 9.58
C LYS B 253 -7.08 13.33 9.74
N ARG B 254 -6.51 14.51 9.91
CA ARG B 254 -5.06 14.63 10.09
C ARG B 254 -4.57 13.86 11.31
N GLN B 255 -5.23 14.06 12.44
CA GLN B 255 -4.84 13.35 13.67
C GLN B 255 -4.98 11.84 13.52
N ILE B 256 -6.07 11.38 12.90
CA ILE B 256 -6.26 9.94 12.70
C ILE B 256 -5.14 9.39 11.83
N ASP B 257 -4.87 10.08 10.72
CA ASP B 257 -3.80 9.70 9.80
C ASP B 257 -2.44 9.59 10.47
N LEU B 258 -2.06 10.62 11.21
CA LEU B 258 -0.77 10.59 11.87
C LEU B 258 -0.69 9.46 12.88
N ALA B 259 -1.76 9.22 13.62
CA ALA B 259 -1.76 8.15 14.62
C ALA B 259 -1.61 6.80 13.93
N LEU B 260 -2.38 6.59 12.87
CA LEU B 260 -2.30 5.32 12.16
C LEU B 260 -0.87 5.07 11.64
N LEU B 261 -0.21 6.13 11.14
CA LEU B 261 1.16 5.95 10.63
C LEU B 261 2.17 5.72 11.75
N GLN B 262 1.94 6.38 12.88
CA GLN B 262 2.75 6.10 14.07
C GLN B 262 2.60 4.64 14.48
N PHE B 263 1.36 4.14 14.51
CA PHE B 263 1.08 2.75 14.92
C PHE B 263 1.86 1.81 14.01
N VAL B 264 1.75 2.04 12.70
CA VAL B 264 2.48 1.24 11.71
C VAL B 264 3.98 1.33 11.94
N GLY B 265 4.46 2.55 12.13
CA GLY B 265 5.86 2.79 12.39
C GLY B 265 6.42 2.10 13.62
N ASP B 266 5.61 2.00 14.68
CA ASP B 266 6.07 1.41 15.94
C ASP B 266 5.85 -0.11 16.01
N GLY B 267 5.35 -0.70 14.93
CA GLY B 267 5.11 -2.13 14.91
C GLY B 267 3.83 -2.57 15.61
N GLU B 268 3.07 -1.62 16.14
CA GLU B 268 1.81 -1.95 16.80
C GLU B 268 0.80 -2.55 15.83
N MET B 269 0.89 -2.17 14.55
CA MET B 269 -0.03 -2.68 13.54
C MET B 269 0.29 -4.13 13.26
N GLU B 270 1.58 -4.43 13.12
CA GLU B 270 2.04 -5.80 12.94
C GLU B 270 1.61 -6.67 14.14
N GLU B 271 1.57 -6.07 15.32
CA GLU B 271 1.11 -6.83 16.49
C GLU B 271 -0.39 -7.16 16.41
N LEU B 272 -1.21 -6.22 15.99
CA LEU B 272 -2.63 -6.52 15.86
C LEU B 272 -2.86 -7.57 14.79
N GLU B 273 -2.07 -7.55 13.72
CA GLU B 273 -2.26 -8.50 12.64
C GLU B 273 -1.91 -9.92 13.10
N THR B 274 -0.86 -10.03 13.91
CA THR B 274 -0.44 -11.32 14.46
C THR B 274 -1.52 -11.84 15.42
N LEU B 275 -2.10 -10.93 16.18
CA LEU B 275 -3.16 -11.28 17.11
C LEU B 275 -4.43 -11.76 16.41
N TRP B 276 -4.91 -10.99 15.43
CA TRP B 276 -6.23 -11.27 14.84
C TRP B 276 -6.26 -11.89 13.45
N LEU B 277 -5.23 -11.66 12.65
CA LEU B 277 -5.32 -11.98 11.22
C LEU B 277 -4.42 -13.13 10.80
N THR B 278 -3.23 -13.19 11.41
CA THR B 278 -2.26 -14.23 11.09
C THR B 278 -2.67 -15.56 11.70
N GLY B 279 -2.73 -16.60 10.88
CA GLY B 279 -3.13 -17.92 11.35
C GLY B 279 -1.93 -18.83 11.51
N ILE B 280 -2.19 -20.12 11.69
CA ILE B 280 -1.13 -21.08 11.93
C ILE B 280 -0.35 -21.48 10.66
N CYS B 281 -0.92 -21.22 9.48
CA CYS B 281 -0.23 -21.57 8.23
C CYS B 281 0.72 -20.48 7.74
#